data_7H6B
#
_entry.id   7H6B
#
_cell.length_a   46.580
_cell.length_b   53.520
_cell.length_c   65.260
_cell.angle_alpha   90.00
_cell.angle_beta   90.00
_cell.angle_gamma   90.00
#
_symmetry.space_group_name_H-M   'P 21 21 21'
#
loop_
_entity.id
_entity.type
_entity.pdbx_description
1 polymer Chymase
2 non-polymer 'methyl 4-(5-fluoro-3-methyl-1-benzothiophene-2-sulfonamido)-3-(methanesulfonyl)benzoate'
3 water water
#
_entity_poly.entity_id   1
_entity_poly.type   'polypeptide(L)'
_entity_poly.pdbx_seq_one_letter_code
;IIGGTESKPHSRPYMAYLEIVTSNGPSKFCGGFLIRRNFVLTAAHCAGRSITVTLGAHNITEEEDTWQKLEVIKQFRHPK
YNTSTLHHDIMLLKLKEKASLTLAVGTLPFPSQFNFVPPGRMCRVAGWGRTGVLKPGSDTLQEVKLRLMDPQACSHFRDF
DHNLQLCVGNPRKTKSAFKGDSGGPLLCAGVAQGIVSYGRSDAKPPAVFTRISHYRPWINQILQAN
;
_entity_poly.pdbx_strand_id   A
#
# COMPACT_ATOMS: atom_id res chain seq x y z
N ILE A 1 -8.99 -4.38 3.56
CA ILE A 1 -9.63 -3.17 4.04
C ILE A 1 -10.85 -3.54 4.88
N ILE A 2 -10.84 -3.12 6.14
CA ILE A 2 -11.88 -3.46 7.11
C ILE A 2 -12.74 -2.23 7.35
N GLY A 3 -14.05 -2.42 7.29
CA GLY A 3 -14.98 -1.34 7.58
C GLY A 3 -15.07 -0.26 6.53
N GLY A 4 -14.64 -0.55 5.30
CA GLY A 4 -14.68 0.42 4.23
C GLY A 4 -15.89 0.22 3.32
N THR A 5 -15.89 1.00 2.24
CA THR A 5 -16.94 0.92 1.23
C THR A 5 -16.29 0.68 -0.14
N GLU A 6 -17.09 0.17 -1.06
CA GLU A 6 -16.60 -0.06 -2.42
C GLU A 6 -16.23 1.28 -3.06
N SER A 7 -15.05 1.31 -3.67
CA SER A 7 -14.65 2.48 -4.44
C SER A 7 -15.45 2.55 -5.73
N LYS A 8 -15.55 3.75 -6.27
CA LYS A 8 -16.08 3.89 -7.62
C LYS A 8 -15.12 3.19 -8.57
N PRO A 9 -15.62 2.38 -9.50
CA PRO A 9 -14.72 1.59 -10.35
C PRO A 9 -13.78 2.50 -11.15
N HIS A 10 -12.49 2.16 -11.10
CA HIS A 10 -11.43 2.88 -11.80
C HIS A 10 -11.27 4.32 -11.31
N SER A 11 -11.77 4.62 -10.11
CA SER A 11 -11.51 5.91 -9.48
C SER A 11 -10.14 5.95 -8.79
N ARG A 12 -9.44 4.83 -8.74
CA ARG A 12 -8.07 4.75 -8.23
C ARG A 12 -7.23 4.01 -9.26
N PRO A 13 -7.00 4.62 -10.43
CA PRO A 13 -6.37 3.88 -11.53
C PRO A 13 -4.91 3.51 -11.28
N TYR A 14 -4.28 4.06 -10.25
CA TYR A 14 -2.91 3.74 -9.90
C TYR A 14 -2.78 2.50 -9.04
N MET A 15 -3.88 1.99 -8.48
CA MET A 15 -3.81 0.86 -7.56
C MET A 15 -3.28 -0.38 -8.26
N ALA A 16 -2.40 -1.10 -7.58
CA ALA A 16 -1.78 -2.32 -8.09
C ALA A 16 -2.06 -3.48 -7.14
N TYR A 17 -2.34 -4.64 -7.72
CA TYR A 17 -2.56 -5.87 -6.97
C TYR A 17 -1.39 -6.80 -7.23
N LEU A 18 -0.73 -7.25 -6.16
CA LEU A 18 0.49 -8.03 -6.27
C LEU A 18 0.23 -9.48 -5.89
N GLU A 19 0.57 -10.40 -6.79
CA GLU A 19 0.56 -11.83 -6.52
C GLU A 19 2.02 -12.26 -6.40
N ILE A 20 2.42 -12.62 -5.19
CA ILE A 20 3.82 -12.87 -4.86
C ILE A 20 4.02 -14.36 -4.64
N VAL A 21 5.04 -14.93 -5.27
CA VAL A 21 5.38 -16.34 -5.13
C VAL A 21 6.72 -16.43 -4.40
N THR A 22 6.74 -17.21 -3.33
CA THR A 22 7.97 -17.44 -2.60
C THR A 22 8.63 -18.73 -3.08
N SER A 23 9.84 -18.99 -2.57
CA SER A 23 10.58 -20.18 -2.95
C SER A 23 10.11 -21.42 -2.19
N PRO A 26 4.41 -21.30 -1.27
CA PRO A 26 3.49 -20.38 -0.59
C PRO A 26 3.44 -19.02 -1.27
N SER A 27 2.24 -18.44 -1.38
CA SER A 27 2.03 -17.20 -2.10
C SER A 27 1.57 -16.11 -1.17
N LYS A 28 1.95 -14.87 -1.49
CA LYS A 28 1.55 -13.69 -0.74
C LYS A 28 0.78 -12.74 -1.66
N PHE A 29 -0.05 -11.90 -1.05
CA PHE A 29 -0.84 -10.91 -1.76
C PHE A 29 -0.65 -9.56 -1.10
N CYS A 30 -0.31 -8.55 -1.91
CA CYS A 30 -0.01 -7.22 -1.40
C CYS A 30 -0.64 -6.18 -2.30
N GLY A 31 -0.61 -4.93 -1.82
CA GLY A 31 -1.01 -3.80 -2.62
C GLY A 31 0.19 -3.01 -3.12
N GLY A 32 -0.11 -2.01 -3.94
CA GLY A 32 0.92 -1.15 -4.49
C GLY A 32 0.26 -0.11 -5.37
N PHE A 33 1.06 0.84 -5.83
CA PHE A 33 0.53 1.90 -6.66
C PHE A 33 1.53 2.26 -7.75
N LEU A 34 1.00 2.47 -8.95
CA LEU A 34 1.79 2.84 -10.11
C LEU A 34 2.22 4.31 -10.00
N ILE A 35 3.52 4.55 -9.94
CA ILE A 35 4.06 5.90 -9.88
C ILE A 35 4.51 6.33 -11.26
N ARG A 36 4.98 5.38 -12.08
CA ARG A 36 5.31 5.64 -13.47
C ARG A 36 4.95 4.40 -14.27
N ARG A 37 5.03 4.52 -15.60
CA ARG A 37 4.47 3.49 -16.48
C ARG A 37 5.03 2.10 -16.18
N ASN A 38 6.29 2.01 -15.74
CA ASN A 38 6.94 0.72 -15.53
C ASN A 38 7.46 0.56 -14.11
N PHE A 39 6.98 1.37 -13.17
CA PHE A 39 7.44 1.31 -11.79
C PHE A 39 6.25 1.33 -10.84
N VAL A 40 6.25 0.41 -9.89
CA VAL A 40 5.23 0.30 -8.86
C VAL A 40 5.90 0.44 -7.51
N LEU A 41 5.30 1.23 -6.63
CA LEU A 41 5.80 1.44 -5.28
C LEU A 41 4.99 0.58 -4.31
N THR A 42 5.69 -0.22 -3.50
CA THR A 42 5.05 -1.13 -2.57
C THR A 42 5.92 -1.25 -1.33
N ALA A 43 5.51 -2.12 -0.42
CA ALA A 43 6.25 -2.36 0.81
C ALA A 43 7.35 -3.39 0.57
N ALA A 44 8.46 -3.24 1.29
CA ALA A 44 9.62 -4.10 1.10
C ALA A 44 9.35 -5.52 1.58
N HIS A 45 8.50 -5.70 2.58
CA HIS A 45 8.21 -7.05 3.08
C HIS A 45 7.40 -7.88 2.10
N CYS A 46 6.84 -7.26 1.05
CA CYS A 46 6.11 -7.99 0.03
C CYS A 46 7.04 -8.68 -0.96
N ALA A 47 8.35 -8.50 -0.83
CA ALA A 47 9.29 -9.13 -1.73
C ALA A 47 9.23 -10.64 -1.63
N GLY A 48 9.38 -11.30 -2.77
CA GLY A 48 9.41 -12.75 -2.82
C GLY A 48 10.28 -13.16 -3.98
N ARG A 49 10.01 -14.35 -4.52
CA ARG A 49 10.73 -14.78 -5.71
C ARG A 49 10.07 -14.21 -6.98
N SER A 50 8.81 -14.53 -7.20
CA SER A 50 8.07 -14.04 -8.36
C SER A 50 6.95 -13.11 -7.90
N ILE A 51 6.80 -11.98 -8.60
CA ILE A 51 5.72 -11.03 -8.35
C ILE A 51 5.04 -10.70 -9.66
N THR A 52 3.72 -10.82 -9.69
CA THR A 52 2.91 -10.44 -10.84
C THR A 52 2.01 -9.29 -10.44
N VAL A 53 2.02 -8.23 -11.24
CA VAL A 53 1.28 -7.00 -10.95
C VAL A 53 0.03 -6.96 -11.82
N THR A 54 -1.12 -6.73 -11.20
CA THR A 54 -2.38 -6.55 -11.90
C THR A 54 -2.80 -5.09 -11.77
N LEU A 55 -2.95 -4.41 -12.90
CA LEU A 55 -3.36 -3.02 -12.95
C LEU A 55 -4.73 -2.89 -13.62
N GLY A 56 -5.37 -1.75 -13.40
CA GLY A 56 -6.64 -1.46 -14.03
C GLY A 56 -7.77 -2.38 -13.62
N ALA A 57 -7.73 -2.90 -12.40
CA ALA A 57 -8.73 -3.84 -11.92
C ALA A 57 -9.62 -3.17 -10.87
N HIS A 58 -10.92 -3.42 -10.97
CA HIS A 58 -11.85 -3.18 -9.88
C HIS A 58 -12.26 -4.48 -9.22
N ASN A 59 -12.79 -5.42 -10.01
CA ASN A 59 -13.02 -6.78 -9.54
C ASN A 59 -11.74 -7.57 -9.74
N ILE A 60 -11.23 -8.18 -8.66
CA ILE A 60 -9.99 -8.93 -8.71
C ILE A 60 -10.21 -10.42 -8.90
N THR A 61 -11.44 -10.90 -8.78
CA THR A 61 -11.72 -12.34 -8.83
C THR A 61 -11.94 -12.87 -10.24
N GLU A 62 -12.50 -12.06 -11.13
CA GLU A 62 -12.72 -12.45 -12.51
C GLU A 62 -12.07 -11.44 -13.44
N GLU A 63 -11.43 -11.94 -14.50
CA GLU A 63 -10.67 -11.09 -15.40
C GLU A 63 -11.57 -10.08 -16.09
N GLU A 64 -11.11 -8.83 -16.14
CA GLU A 64 -11.82 -7.73 -16.77
C GLU A 64 -11.08 -7.29 -18.04
N ASP A 65 -11.80 -6.60 -18.91
CA ASP A 65 -11.18 -6.07 -20.12
C ASP A 65 -10.20 -4.94 -19.82
N THR A 66 -10.28 -4.33 -18.65
CA THR A 66 -9.38 -3.26 -18.26
C THR A 66 -8.12 -3.76 -17.57
N TRP A 67 -8.00 -5.07 -17.35
CA TRP A 67 -6.85 -5.61 -16.66
C TRP A 67 -5.57 -5.44 -17.47
N GLN A 68 -4.47 -5.22 -16.74
CA GLN A 68 -3.13 -5.24 -17.33
C GLN A 68 -2.22 -5.99 -16.35
N LYS A 69 -1.80 -7.19 -16.73
CA LYS A 69 -0.91 -8.00 -15.91
C LYS A 69 0.52 -7.89 -16.44
N LEU A 70 1.45 -7.59 -15.54
CA LEU A 70 2.85 -7.38 -15.89
C LEU A 70 3.74 -8.13 -14.89
N GLU A 71 4.84 -8.67 -15.40
CA GLU A 71 5.79 -9.38 -14.56
C GLU A 71 6.84 -8.41 -14.02
N VAL A 72 7.19 -8.58 -12.75
CA VAL A 72 8.25 -7.79 -12.14
C VAL A 72 9.59 -8.37 -12.52
N ILE A 73 10.49 -7.52 -13.03
CA ILE A 73 11.81 -7.97 -13.45
C ILE A 73 12.89 -7.58 -12.46
N LYS A 74 12.61 -6.67 -11.52
CA LYS A 74 13.59 -6.27 -10.53
C LYS A 74 12.86 -5.74 -9.30
N GLN A 75 13.33 -6.17 -8.12
CA GLN A 75 12.79 -5.72 -6.84
C GLN A 75 13.87 -4.92 -6.12
N PHE A 76 13.68 -3.61 -6.06
CA PHE A 76 14.66 -2.70 -5.46
C PHE A 76 14.17 -2.33 -4.06
N ARG A 77 14.55 -3.14 -3.09
CA ARG A 77 14.28 -2.81 -1.69
C ARG A 77 15.15 -1.64 -1.26
N HIS A 78 14.65 -0.89 -0.27
CA HIS A 78 15.44 0.18 0.31
C HIS A 78 16.68 -0.44 0.95
N PRO A 79 17.87 0.15 0.75
CA PRO A 79 19.11 -0.51 1.21
C PRO A 79 19.20 -0.71 2.70
N LYS A 80 18.45 0.05 3.50
CA LYS A 80 18.48 -0.09 4.95
C LYS A 80 17.25 -0.81 5.50
N TYR A 81 16.51 -1.51 4.65
CA TYR A 81 15.33 -2.24 5.10
C TYR A 81 15.71 -3.32 6.09
N ASN A 82 14.94 -3.44 7.17
CA ASN A 82 15.12 -4.46 8.19
C ASN A 82 14.02 -5.49 8.05
N THR A 83 14.41 -6.76 7.90
CA THR A 83 13.45 -7.81 7.54
C THR A 83 12.49 -8.16 8.67
N SER A 84 12.81 -7.82 9.92
CA SER A 84 11.95 -8.15 11.04
C SER A 84 11.26 -6.91 11.64
N THR A 85 12.00 -5.84 11.88
CA THR A 85 11.40 -4.63 12.44
C THR A 85 10.67 -3.80 11.40
N LEU A 86 10.84 -4.10 10.11
CA LEU A 86 10.15 -3.44 9.01
C LEU A 86 10.46 -1.94 8.93
N HIS A 87 11.58 -1.51 9.48
CA HIS A 87 12.02 -0.14 9.26
C HIS A 87 12.43 0.06 7.81
N HIS A 88 12.05 1.20 7.24
CA HIS A 88 12.25 1.50 5.82
C HIS A 88 11.60 0.42 4.95
N ASP A 89 10.31 0.18 5.22
CA ASP A 89 9.54 -0.84 4.51
C ASP A 89 8.98 -0.23 3.24
N ILE A 90 9.85 -0.10 2.23
CA ILE A 90 9.49 0.49 0.95
C ILE A 90 10.33 -0.18 -0.13
N MET A 91 9.71 -0.44 -1.28
CA MET A 91 10.37 -1.16 -2.36
C MET A 91 9.86 -0.65 -3.71
N LEU A 92 10.78 -0.51 -4.66
CA LEU A 92 10.46 -0.15 -6.03
C LEU A 92 10.45 -1.40 -6.91
N LEU A 93 9.40 -1.57 -7.70
CA LEU A 93 9.27 -2.71 -8.60
C LEU A 93 9.36 -2.22 -10.04
N LYS A 94 10.25 -2.84 -10.81
CA LYS A 94 10.41 -2.53 -12.24
C LYS A 94 9.65 -3.56 -13.05
N LEU A 95 8.66 -3.10 -13.81
CA LEU A 95 7.84 -3.99 -14.62
C LEU A 95 8.56 -4.37 -15.90
N LYS A 96 8.32 -5.60 -16.36
CA LYS A 96 8.97 -6.08 -17.58
C LYS A 96 8.63 -5.20 -18.78
N GLU A 97 7.37 -4.81 -18.92
CA GLU A 97 6.94 -3.92 -19.99
C GLU A 97 6.25 -2.70 -19.39
N LYS A 98 5.93 -1.75 -20.26
CA LYS A 98 5.24 -0.53 -19.87
C LYS A 98 3.73 -0.75 -19.89
N ALA A 99 3.06 -0.29 -18.83
CA ALA A 99 1.60 -0.33 -18.81
C ALA A 99 1.04 0.69 -19.79
N SER A 100 -0.22 0.48 -20.16
CA SER A 100 -0.93 1.36 -21.08
C SER A 100 -1.80 2.32 -20.27
N LEU A 101 -1.59 3.62 -20.47
CA LEU A 101 -2.38 4.63 -19.76
C LEU A 101 -3.78 4.68 -20.36
N THR A 102 -4.76 4.21 -19.59
CA THR A 102 -6.14 4.16 -20.05
C THR A 102 -7.07 4.81 -19.04
N LEU A 103 -8.38 4.64 -19.24
CA LEU A 103 -9.36 5.07 -18.24
C LEU A 103 -9.13 4.37 -16.90
N ALA A 104 -8.62 3.13 -16.94
CA ALA A 104 -8.48 2.32 -15.74
C ALA A 104 -7.05 2.25 -15.20
N VAL A 105 -6.05 2.65 -15.99
CA VAL A 105 -4.66 2.59 -15.58
C VAL A 105 -4.09 4.01 -15.65
N GLY A 106 -3.66 4.53 -14.51
CA GLY A 106 -3.08 5.86 -14.46
C GLY A 106 -1.98 5.93 -13.41
N THR A 107 -1.23 7.02 -13.47
CA THR A 107 -0.09 7.22 -12.58
C THR A 107 -0.49 8.11 -11.41
N LEU A 108 0.04 7.79 -10.22
CA LEU A 108 -0.19 8.61 -9.05
C LEU A 108 0.88 9.70 -8.99
N PRO A 109 0.52 10.97 -9.12
CA PRO A 109 1.54 12.02 -9.15
C PRO A 109 2.05 12.36 -7.76
N PHE A 110 3.33 12.69 -7.69
CA PHE A 110 3.98 13.07 -6.44
C PHE A 110 4.29 14.57 -6.45
N PRO A 111 3.82 15.32 -5.46
CA PRO A 111 4.04 16.76 -5.44
C PRO A 111 5.51 17.11 -5.20
N SER A 112 5.82 18.38 -5.43
CA SER A 112 7.17 18.88 -5.23
C SER A 112 7.56 18.97 -3.76
N GLN A 113 6.59 19.01 -2.86
CA GLN A 113 6.84 19.13 -1.42
C GLN A 113 6.17 17.99 -0.68
N PHE A 114 6.91 17.38 0.25
CA PHE A 114 6.39 16.34 1.12
C PHE A 114 6.64 16.78 2.57
N ASN A 115 5.59 17.28 3.21
CA ASN A 115 5.69 17.70 4.60
C ASN A 115 5.68 16.50 5.54
N PHE A 116 6.47 16.58 6.61
CA PHE A 116 6.37 15.63 7.71
C PHE A 116 4.99 15.79 8.35
N VAL A 117 4.11 14.83 8.08
CA VAL A 117 2.71 14.97 8.46
C VAL A 117 2.53 14.56 9.92
N PRO A 118 2.11 15.48 10.78
CA PRO A 118 1.87 15.14 12.19
C PRO A 118 0.51 14.48 12.36
N PRO A 119 0.24 13.90 13.53
CA PRO A 119 -1.04 13.21 13.73
C PRO A 119 -2.22 14.17 13.68
N GLY A 120 -3.41 13.58 13.60
CA GLY A 120 -4.65 14.33 13.53
C GLY A 120 -5.27 14.40 12.15
N ARG A 121 -4.51 14.06 11.11
CA ARG A 121 -5.00 14.14 9.75
C ARG A 121 -5.92 12.96 9.42
N MET A 122 -6.88 13.22 8.54
CA MET A 122 -7.78 12.19 8.02
C MET A 122 -7.33 11.81 6.62
N CYS A 123 -7.15 10.51 6.38
CA CYS A 123 -6.63 10.02 5.10
C CYS A 123 -7.40 8.79 4.67
N ARG A 124 -7.10 8.33 3.46
CA ARG A 124 -7.77 7.18 2.87
C ARG A 124 -6.76 6.13 2.47
N VAL A 125 -7.17 4.87 2.57
CA VAL A 125 -6.37 3.74 2.11
C VAL A 125 -7.28 2.79 1.35
N ALA A 126 -6.76 2.21 0.26
CA ALA A 126 -7.54 1.33 -0.59
C ALA A 126 -6.76 0.05 -0.87
N GLY A 127 -7.49 -1.02 -1.12
CA GLY A 127 -6.88 -2.30 -1.43
C GLY A 127 -7.90 -3.39 -1.56
N TRP A 128 -7.40 -4.56 -1.95
CA TRP A 128 -8.23 -5.77 -2.09
C TRP A 128 -7.98 -6.77 -0.97
N GLY A 129 -7.42 -6.32 0.14
CA GLY A 129 -7.08 -7.21 1.22
C GLY A 129 -8.29 -7.77 1.95
N ARG A 130 -8.01 -8.54 2.99
CA ARG A 130 -9.08 -9.14 3.79
C ARG A 130 -9.98 -8.06 4.37
N THR A 131 -11.28 -8.32 4.36
CA THR A 131 -12.26 -7.40 4.91
C THR A 131 -12.45 -7.59 6.41
N GLY A 132 -11.67 -8.47 7.03
CA GLY A 132 -11.75 -8.69 8.46
C GLY A 132 -10.86 -9.86 8.83
N VAL A 133 -10.77 -10.10 10.15
CA VAL A 133 -10.01 -11.24 10.63
C VAL A 133 -10.63 -12.52 10.09
N LEU A 134 -9.79 -13.38 9.51
CA LEU A 134 -10.16 -14.67 8.93
C LEU A 134 -11.02 -14.53 7.68
N LYS A 135 -11.37 -13.32 7.26
CA LYS A 135 -12.18 -13.14 6.07
C LYS A 135 -11.32 -13.28 4.82
N PRO A 136 -11.91 -13.66 3.69
CA PRO A 136 -11.15 -13.68 2.43
C PRO A 136 -10.89 -12.28 1.93
N GLY A 137 -9.98 -12.19 0.95
CA GLY A 137 -9.74 -10.92 0.31
C GLY A 137 -10.97 -10.41 -0.40
N SER A 138 -11.09 -9.09 -0.47
CA SER A 138 -12.27 -8.47 -1.06
C SER A 138 -12.32 -8.73 -2.56
N ASP A 139 -13.54 -8.99 -3.06
CA ASP A 139 -13.71 -9.20 -4.50
C ASP A 139 -13.44 -7.93 -5.28
N THR A 140 -13.80 -6.77 -4.72
CA THR A 140 -13.68 -5.49 -5.39
C THR A 140 -12.84 -4.54 -4.54
N LEU A 141 -12.34 -3.49 -5.19
CA LEU A 141 -11.49 -2.52 -4.51
C LEU A 141 -12.28 -1.77 -3.45
N GLN A 142 -11.82 -1.85 -2.20
CA GLN A 142 -12.45 -1.17 -1.08
C GLN A 142 -11.57 -0.02 -0.62
N GLU A 143 -12.19 1.01 -0.05
CA GLU A 143 -11.46 2.12 0.53
C GLU A 143 -12.11 2.52 1.85
N VAL A 144 -11.28 2.92 2.81
CA VAL A 144 -11.75 3.30 4.13
C VAL A 144 -11.04 4.59 4.54
N LYS A 145 -11.73 5.41 5.32
CA LYS A 145 -11.19 6.65 5.84
C LYS A 145 -10.61 6.41 7.22
N LEU A 146 -9.34 6.77 7.41
CA LEU A 146 -8.63 6.49 8.65
C LEU A 146 -8.01 7.76 9.20
N ARG A 147 -7.79 7.76 10.52
CA ARG A 147 -7.26 8.92 11.23
C ARG A 147 -5.80 8.67 11.59
N LEU A 148 -4.96 9.67 11.33
CA LEU A 148 -3.57 9.62 11.78
C LEU A 148 -3.53 9.83 13.29
N MET A 149 -3.15 8.79 14.01
CA MET A 149 -3.23 8.79 15.47
C MET A 149 -1.97 9.35 16.10
N ASP A 150 -2.10 9.76 17.36
CA ASP A 150 -0.95 10.14 18.16
C ASP A 150 -0.02 8.93 18.28
N PRO A 151 1.30 9.15 18.32
CA PRO A 151 2.23 8.02 18.38
C PRO A 151 2.01 7.11 19.57
N GLN A 152 1.47 7.65 20.67
CA GLN A 152 1.24 6.85 21.87
C GLN A 152 0.23 5.74 21.65
N ALA A 153 -0.60 5.84 20.61
CA ALA A 153 -1.55 4.77 20.31
C ALA A 153 -0.88 3.54 19.74
N CYS A 154 0.33 3.67 19.18
CA CYS A 154 1.08 2.55 18.65
C CYS A 154 2.22 2.12 19.57
N SER A 155 2.15 2.47 20.86
CA SER A 155 3.20 2.12 21.80
C SER A 155 3.32 0.63 22.04
N HIS A 156 2.27 -0.15 21.75
CA HIS A 156 2.33 -1.59 21.97
C HIS A 156 3.19 -2.29 20.94
N PHE A 157 3.43 -1.69 19.78
CA PHE A 157 4.32 -2.27 18.78
C PHE A 157 5.76 -2.06 19.20
N ARG A 158 6.52 -3.15 19.26
CA ARG A 158 7.86 -3.11 19.86
C ARG A 158 8.81 -2.22 19.08
N ASP A 159 8.81 -2.33 17.75
CA ASP A 159 9.77 -1.62 16.92
C ASP A 159 9.19 -0.39 16.24
N PHE A 160 8.01 0.06 16.65
CA PHE A 160 7.42 1.25 16.05
C PHE A 160 8.24 2.47 16.40
N ASP A 161 8.51 3.31 15.39
CA ASP A 161 9.16 4.60 15.58
C ASP A 161 8.26 5.67 14.99
N HIS A 162 7.80 6.59 15.84
CA HIS A 162 6.92 7.67 15.36
C HIS A 162 7.58 8.49 14.27
N ASN A 163 8.89 8.67 14.34
CA ASN A 163 9.57 9.57 13.42
C ASN A 163 9.84 8.91 12.07
N LEU A 164 9.72 7.59 11.97
CA LEU A 164 9.89 6.88 10.72
C LEU A 164 8.58 6.30 10.18
N GLN A 165 7.55 6.18 11.01
CA GLN A 165 6.33 5.48 10.64
C GLN A 165 5.12 6.26 11.12
N LEU A 166 3.99 6.00 10.47
CA LEU A 166 2.72 6.61 10.82
C LEU A 166 1.87 5.64 11.63
N CYS A 167 1.19 6.16 12.64
CA CYS A 167 0.25 5.39 13.44
C CYS A 167 -1.16 5.71 12.93
N VAL A 168 -1.78 4.75 12.24
CA VAL A 168 -3.00 5.00 11.48
C VAL A 168 -4.10 4.08 11.99
N GLY A 169 -5.24 4.65 12.37
CA GLY A 169 -6.39 3.88 12.77
C GLY A 169 -6.87 4.14 14.18
N ASN A 170 -8.13 4.54 14.31
CA ASN A 170 -8.73 4.79 15.62
C ASN A 170 -8.85 3.48 16.40
N PRO A 171 -8.24 3.36 17.57
CA PRO A 171 -8.27 2.08 18.30
C PRO A 171 -9.65 1.66 18.78
N ARG A 172 -10.62 2.57 18.84
CA ARG A 172 -11.96 2.24 19.31
C ARG A 172 -12.90 1.83 18.19
N LYS A 173 -12.39 1.62 16.97
CA LYS A 173 -13.18 1.18 15.85
C LYS A 173 -12.52 -0.05 15.22
N THR A 174 -13.16 -0.60 14.19
CA THR A 174 -12.59 -1.68 13.43
C THR A 174 -12.01 -1.24 12.10
N LYS A 175 -12.28 0.00 11.67
CA LYS A 175 -11.78 0.48 10.39
C LYS A 175 -10.26 0.50 10.40
N SER A 176 -9.66 -0.16 9.41
CA SER A 176 -8.21 -0.28 9.33
C SER A 176 -7.86 -0.99 8.02
N ALA A 177 -6.60 -0.85 7.62
CA ALA A 177 -6.04 -1.77 6.65
C ALA A 177 -5.73 -3.10 7.34
N PHE A 178 -5.49 -4.13 6.53
CA PHE A 178 -5.26 -5.45 7.10
C PHE A 178 -4.47 -6.28 6.08
N LYS A 179 -4.40 -7.58 6.31
CA LYS A 179 -3.67 -8.49 5.43
C LYS A 179 -4.16 -8.38 4.00
N GLY A 180 -3.23 -8.34 3.06
CA GLY A 180 -3.53 -8.15 1.66
C GLY A 180 -3.53 -6.71 1.21
N ASP A 181 -3.60 -5.75 2.14
CA ASP A 181 -3.52 -4.34 1.82
C ASP A 181 -2.11 -3.78 1.95
N SER A 182 -1.14 -4.61 2.34
CA SER A 182 0.23 -4.15 2.51
C SER A 182 0.80 -3.65 1.20
N GLY A 183 1.54 -2.55 1.27
CA GLY A 183 2.09 -1.91 0.10
C GLY A 183 1.19 -0.89 -0.54
N GLY A 184 -0.08 -0.85 -0.17
CA GLY A 184 -1.00 0.14 -0.68
C GLY A 184 -0.72 1.51 -0.11
N PRO A 185 -1.10 2.56 -0.84
CA PRO A 185 -0.78 3.92 -0.40
C PRO A 185 -1.77 4.45 0.62
N LEU A 186 -1.26 5.21 1.58
CA LEU A 186 -2.08 6.03 2.45
C LEU A 186 -2.21 7.40 1.79
N LEU A 187 -3.41 7.74 1.34
CA LEU A 187 -3.64 8.93 0.53
C LEU A 187 -4.26 10.01 1.40
N CYS A 188 -3.49 11.05 1.70
CA CYS A 188 -3.95 12.21 2.44
C CYS A 188 -4.08 13.38 1.48
N ALA A 189 -5.31 13.90 1.34
CA ALA A 189 -5.59 15.06 0.50
C ALA A 189 -5.15 14.84 -0.95
N GLY A 190 -5.19 13.59 -1.41
CA GLY A 190 -4.80 13.26 -2.76
C GLY A 190 -3.33 12.95 -2.97
N VAL A 191 -2.51 13.03 -1.92
CA VAL A 191 -1.08 12.74 -2.00
C VAL A 191 -0.77 11.55 -1.11
N ALA A 192 -0.04 10.58 -1.67
CA ALA A 192 0.32 9.37 -0.93
C ALA A 192 1.39 9.72 0.11
N GLN A 193 0.99 9.72 1.39
CA GLN A 193 1.91 10.02 2.48
C GLN A 193 2.38 8.79 3.23
N GLY A 194 1.82 7.61 2.93
CA GLY A 194 2.16 6.41 3.68
C GLY A 194 1.99 5.16 2.85
N ILE A 195 2.63 4.09 3.33
CA ILE A 195 2.54 2.76 2.74
C ILE A 195 2.16 1.78 3.84
N VAL A 196 1.12 0.98 3.61
CA VAL A 196 0.71 -0.02 4.59
C VAL A 196 1.86 -0.96 4.89
N SER A 197 2.20 -1.08 6.18
CA SER A 197 3.33 -1.90 6.58
C SER A 197 2.92 -3.12 7.39
N TYR A 198 2.27 -2.93 8.54
CA TYR A 198 1.92 -4.05 9.40
C TYR A 198 0.99 -3.57 10.50
N GLY A 199 0.57 -4.51 11.35
CA GLY A 199 -0.27 -4.24 12.49
C GLY A 199 -0.47 -5.47 13.34
N ARG A 200 -1.62 -5.58 14.00
CA ARG A 200 -1.92 -6.73 14.85
C ARG A 200 -2.66 -7.80 14.07
N SER A 201 -2.40 -9.06 14.45
CA SER A 201 -3.03 -10.19 13.76
C SER A 201 -4.54 -10.18 13.93
N ASP A 202 -5.02 -9.75 15.10
CA ASP A 202 -6.46 -9.66 15.34
C ASP A 202 -7.08 -8.40 14.77
N ALA A 203 -6.32 -7.63 13.99
CA ALA A 203 -6.78 -6.48 13.22
C ALA A 203 -7.31 -5.34 14.09
N LYS A 204 -7.05 -5.36 15.38
CA LYS A 204 -7.41 -4.20 16.19
C LYS A 204 -6.48 -3.05 15.83
N PRO A 205 -7.00 -1.92 15.35
CA PRO A 205 -6.15 -0.81 14.97
C PRO A 205 -5.53 -0.17 16.22
N PRO A 206 -4.53 0.71 16.06
CA PRO A 206 -3.94 1.25 14.82
C PRO A 206 -2.99 0.30 14.09
N ALA A 207 -2.76 0.58 12.81
CA ALA A 207 -1.74 -0.09 12.02
C ALA A 207 -0.55 0.84 11.82
N VAL A 208 0.57 0.27 11.38
CA VAL A 208 1.81 1.01 11.18
C VAL A 208 2.02 1.21 9.69
N PHE A 209 2.31 2.45 9.30
CA PHE A 209 2.51 2.83 7.91
C PHE A 209 3.90 3.45 7.74
N THR A 210 4.58 3.10 6.66
CA THR A 210 5.84 3.75 6.33
C THR A 210 5.59 5.20 5.93
N ARG A 211 6.43 6.10 6.44
CA ARG A 211 6.35 7.51 6.05
C ARG A 211 7.02 7.69 4.69
N ILE A 212 6.27 8.17 3.71
CA ILE A 212 6.83 8.36 2.36
C ILE A 212 7.72 9.60 2.31
N SER A 213 7.42 10.62 3.11
CA SER A 213 8.17 11.88 3.04
C SER A 213 9.67 11.68 3.25
N HIS A 214 10.06 10.72 4.10
CA HIS A 214 11.47 10.47 4.34
C HIS A 214 12.18 9.97 3.08
N TYR A 215 11.47 9.26 2.21
CA TYR A 215 12.09 8.58 1.08
C TYR A 215 11.80 9.26 -0.26
N ARG A 216 11.36 10.52 -0.23
CA ARG A 216 11.11 11.23 -1.48
C ARG A 216 12.34 11.34 -2.36
N PRO A 217 13.52 11.76 -1.87
CA PRO A 217 14.70 11.75 -2.76
C PRO A 217 15.04 10.38 -3.29
N TRP A 218 14.84 9.33 -2.50
CA TRP A 218 15.10 7.98 -2.97
C TRP A 218 14.09 7.57 -4.03
N ILE A 219 12.82 7.92 -3.84
CA ILE A 219 11.80 7.64 -4.86
C ILE A 219 12.06 8.48 -6.11
N ASN A 220 12.73 9.63 -5.96
CA ASN A 220 13.01 10.50 -7.10
C ASN A 220 13.91 9.85 -8.13
N GLN A 221 14.56 8.72 -7.80
CA GLN A 221 15.33 7.98 -8.79
C GLN A 221 14.45 7.60 -9.98
N ILE A 222 13.23 7.14 -9.71
CA ILE A 222 12.34 6.72 -10.79
C ILE A 222 11.75 7.92 -11.52
N LEU A 223 11.44 9.00 -10.80
CA LEU A 223 10.83 10.18 -11.40
C LEU A 223 11.83 11.00 -12.19
#